data_4DNK
#
_entry.id   4DNK
#
_cell.length_a   52.144
_cell.length_b   122.848
_cell.length_c   55.256
_cell.angle_alpha   90.000
_cell.angle_beta   113.980
_cell.angle_gamma   90.000
#
_symmetry.space_group_name_H-M   'P 1 21 1'
#
loop_
_entity.id
_entity.type
_entity.pdbx_description
1 polymer '14-3-3 protein beta/alpha'
2 non-polymer 'PHOSPHATE ION'
3 non-polymer 1,2-ETHANEDIOL
4 water water
#
_entity_poly.entity_id   1
_entity_poly.type   'polypeptide(L)'
_entity_poly.pdbx_seq_one_letter_code
;G(MSE)T(MSE)DKSELVQKAKLAEQAERYDD(MSE)AAA(MSE)KAVTEQGHELSNEERNLLSVAYKNVVGARRSSWRV
ISSIEQKTERNEKKQQ(MSE)GKEYREKIEAELQDICNDVLELLDKYLIPNATQPESKVFYLK(MSE)KGDYFRYLSEVA
SGDNKQTTVSNSQQAYQEAFEISKKE(MSE)QPTHPIRLGLALNFSVFYYEILNSPEKACSLAKTAFDEAIAELDTLNEE
SYKDSTLI(MSE)QLLRDNLTLWTSENQGDEGDAGEGEN
;
_entity_poly.pdbx_strand_id   A,B
#
loop_
_chem_comp.id
_chem_comp.type
_chem_comp.name
_chem_comp.formula
EDO non-polymer 1,2-ETHANEDIOL 'C2 H6 O2'
PO4 non-polymer 'PHOSPHATE ION' 'O4 P -3'
#
# COMPACT_ATOMS: atom_id res chain seq x y z
N THR A 3 19.99 2.18 18.35
CA THR A 3 21.16 3.00 17.90
C THR A 3 21.99 2.23 16.86
N MSE A 4 21.44 2.12 15.65
CA MSE A 4 22.15 1.48 14.53
C MSE A 4 23.11 2.49 13.91
O MSE A 4 22.95 3.70 14.08
CB MSE A 4 21.14 1.01 13.47
CG MSE A 4 20.01 0.09 13.96
SE MSE A 4 18.77 -0.40 12.50
CE MSE A 4 17.19 -0.85 13.57
N ASP A 5 24.13 2.01 13.19
CA ASP A 5 24.98 2.90 12.37
C ASP A 5 24.38 3.08 10.97
N LYS A 6 24.96 3.98 10.18
CA LYS A 6 24.37 4.37 8.88
C LYS A 6 24.26 3.20 7.90
N SER A 7 25.31 2.39 7.81
CA SER A 7 25.34 1.23 6.94
C SER A 7 24.14 0.32 7.18
N GLU A 8 23.84 0.06 8.45
CA GLU A 8 22.69 -0.76 8.84
C GLU A 8 21.35 -0.06 8.56
N LEU A 9 21.24 1.22 8.90
CA LEU A 9 20.03 2.00 8.59
C LEU A 9 19.77 2.15 7.08
N VAL A 10 20.82 2.33 6.28
CA VAL A 10 20.67 2.37 4.83
C VAL A 10 20.25 1.02 4.26
N GLN A 11 20.83 -0.06 4.80
CA GLN A 11 20.46 -1.40 4.34
C GLN A 11 19.01 -1.69 4.72
N LYS A 12 18.58 -1.21 5.87
CA LYS A 12 17.19 -1.32 6.27
C LYS A 12 16.29 -0.50 5.33
N ALA A 13 16.74 0.69 4.96
CA ALA A 13 15.97 1.55 4.06
C ALA A 13 15.77 0.87 2.71
N LYS A 14 16.82 0.23 2.22
CA LYS A 14 16.77 -0.48 0.93
C LYS A 14 15.88 -1.71 1.00
N LEU A 15 15.94 -2.43 2.11
CA LEU A 15 15.04 -3.58 2.32
C LEU A 15 13.58 -3.11 2.36
N ALA A 16 13.33 -2.04 3.09
CA ALA A 16 11.99 -1.47 3.18
C ALA A 16 11.46 -1.01 1.81
N GLU A 17 12.34 -0.42 1.00
CA GLU A 17 11.97 0.00 -0.36
C GLU A 17 11.55 -1.19 -1.23
N GLN A 18 12.34 -2.26 -1.23
CA GLN A 18 11.99 -3.45 -2.00
C GLN A 18 10.69 -4.08 -1.52
N ALA A 19 10.40 -3.96 -0.22
CA ALA A 19 9.19 -4.53 0.37
C ALA A 19 8.00 -3.57 0.30
N GLU A 20 8.22 -2.40 -0.32
CA GLU A 20 7.20 -1.36 -0.49
C GLU A 20 6.62 -0.94 0.86
N ARG A 21 7.52 -0.81 1.84
CA ARG A 21 7.16 -0.36 3.17
C ARG A 21 7.84 0.97 3.39
N TYR A 22 7.22 2.02 2.87
CA TYR A 22 7.85 3.33 2.80
C TYR A 22 7.87 4.11 4.12
N ASP A 23 6.98 3.80 5.06
CA ASP A 23 7.04 4.45 6.36
C ASP A 23 8.33 4.02 7.05
N ASP A 24 8.62 2.71 7.01
CA ASP A 24 9.87 2.17 7.53
C ASP A 24 11.08 2.80 6.83
N MSE A 25 11.00 2.93 5.52
CA MSE A 25 12.08 3.51 4.75
C MSE A 25 12.34 4.94 5.18
O MSE A 25 13.49 5.36 5.32
CB MSE A 25 11.75 3.45 3.26
CG MSE A 25 12.86 3.90 2.33
SE MSE A 25 12.24 3.94 0.48
CE MSE A 25 13.94 4.33 -0.36
N ALA A 26 11.26 5.70 5.40
CA ALA A 26 11.39 7.08 5.84
C ALA A 26 12.00 7.16 7.22
N ALA A 27 11.51 6.34 8.15
CA ALA A 27 12.03 6.31 9.51
C ALA A 27 13.54 6.03 9.51
N ALA A 28 13.97 5.11 8.66
CA ALA A 28 15.40 4.75 8.57
C ALA A 28 16.23 5.96 8.16
N MSE A 29 15.81 6.62 7.09
CA MSE A 29 16.58 7.72 6.51
C MSE A 29 16.49 8.98 7.35
O MSE A 29 17.40 9.82 7.31
CB MSE A 29 16.13 7.98 5.07
CG MSE A 29 16.42 6.83 4.10
SE MSE A 29 18.24 6.08 4.23
CE MSE A 29 19.28 7.69 4.01
N LYS A 30 15.40 9.13 8.10
CA LYS A 30 15.30 10.18 9.10
C LYS A 30 16.35 9.99 10.18
N ALA A 31 16.51 8.76 10.65
CA ALA A 31 17.55 8.44 11.65
C ALA A 31 18.94 8.68 11.09
N VAL A 32 19.19 8.28 9.84
CA VAL A 32 20.47 8.57 9.22
C VAL A 32 20.69 10.07 9.24
N THR A 33 19.71 10.81 8.74
CA THR A 33 19.79 12.27 8.66
C THR A 33 20.05 12.90 10.01
N GLU A 34 19.40 12.37 11.05
CA GLU A 34 19.54 12.91 12.41
C GLU A 34 20.92 12.72 13.07
N GLN A 35 21.76 11.86 12.49
CA GLN A 35 23.15 11.75 12.97
C GLN A 35 23.96 13.01 12.59
N GLY A 36 23.39 13.86 11.73
CA GLY A 36 23.93 15.20 11.50
C GLY A 36 25.14 15.28 10.60
N HIS A 37 25.30 14.31 9.71
CA HIS A 37 26.39 14.31 8.76
C HIS A 37 25.85 14.46 7.37
N GLU A 38 26.67 14.99 6.48
CA GLU A 38 26.28 15.13 5.07
C GLU A 38 25.98 13.76 4.48
N LEU A 39 24.86 13.67 3.76
CA LEU A 39 24.44 12.44 3.15
C LEU A 39 25.16 12.25 1.82
N SER A 40 25.52 11.00 1.50
CA SER A 40 25.96 10.67 0.13
C SER A 40 24.81 10.88 -0.86
N ASN A 41 25.15 10.91 -2.15
CA ASN A 41 24.13 10.96 -3.18
C ASN A 41 23.11 9.84 -3.02
N GLU A 42 23.61 8.63 -2.79
CA GLU A 42 22.74 7.48 -2.56
C GLU A 42 21.84 7.69 -1.34
N GLU A 43 22.40 8.12 -0.22
CA GLU A 43 21.60 8.36 0.98
C GLU A 43 20.58 9.46 0.77
N ARG A 44 20.96 10.48 0.00
CA ARG A 44 20.08 11.60 -0.29
C ARG A 44 18.91 11.17 -1.18
N ASN A 45 19.20 10.30 -2.16
CA ASN A 45 18.18 9.75 -3.06
CA ASN A 45 18.17 9.78 -3.06
C ASN A 45 17.22 8.85 -2.29
N LEU A 46 17.77 8.04 -1.39
CA LEU A 46 16.93 7.17 -0.56
C LEU A 46 16.00 8.01 0.34
N LEU A 47 16.53 9.05 0.97
CA LEU A 47 15.70 9.96 1.77
C LEU A 47 14.57 10.54 0.91
N SER A 48 14.94 11.04 -0.25
CA SER A 48 14.00 11.69 -1.13
C SER A 48 12.90 10.76 -1.60
N VAL A 49 13.28 9.56 -2.03
CA VAL A 49 12.31 8.59 -2.52
C VAL A 49 11.35 8.16 -1.40
N ALA A 50 11.89 7.98 -0.19
CA ALA A 50 11.08 7.53 0.93
C ALA A 50 9.95 8.51 1.19
N TYR A 51 10.30 9.78 1.37
CA TYR A 51 9.30 10.79 1.69
C TYR A 51 8.41 11.10 0.50
N LYS A 52 8.95 11.02 -0.72
CA LYS A 52 8.13 11.14 -1.93
C LYS A 52 6.97 10.16 -1.85
N ASN A 53 7.27 8.91 -1.51
CA ASN A 53 6.25 7.89 -1.36
C ASN A 53 5.37 8.07 -0.14
N VAL A 54 5.94 8.44 1.01
CA VAL A 54 5.14 8.64 2.22
C VAL A 54 4.16 9.81 2.03
N VAL A 55 4.66 10.94 1.55
CA VAL A 55 3.80 12.10 1.34
C VAL A 55 2.86 11.92 0.13
N GLY A 56 3.34 11.25 -0.90
CA GLY A 56 2.57 11.04 -2.12
C GLY A 56 1.31 10.23 -1.90
N ALA A 57 1.39 9.24 -1.00
CA ALA A 57 0.22 8.42 -0.65
C ALA A 57 -0.87 9.26 -0.01
N ARG A 58 -0.48 10.22 0.84
CA ARG A 58 -1.48 11.08 1.49
C ARG A 58 -2.07 12.07 0.51
N ARG A 59 -1.23 12.60 -0.38
CA ARG A 59 -1.70 13.56 -1.37
C ARG A 59 -2.72 12.91 -2.29
N SER A 60 -2.43 11.68 -2.71
CA SER A 60 -3.34 10.94 -3.57
C SER A 60 -4.64 10.68 -2.81
N SER A 61 -4.53 10.24 -1.57
CA SER A 61 -5.69 9.97 -0.72
C SER A 61 -6.54 11.21 -0.52
N TRP A 62 -5.87 12.34 -0.27
CA TRP A 62 -6.52 13.60 -0.02
C TRP A 62 -7.36 14.04 -1.19
N ARG A 63 -6.86 13.85 -2.42
CA ARG A 63 -7.57 14.24 -3.63
CA ARG A 63 -7.64 14.29 -3.57
C ARG A 63 -8.71 13.27 -3.95
N VAL A 64 -8.53 12.01 -3.58
CA VAL A 64 -9.59 11.01 -3.76
C VAL A 64 -10.80 11.40 -2.90
N ILE A 65 -10.53 11.74 -1.64
CA ILE A 65 -11.58 12.13 -0.70
C ILE A 65 -12.19 13.48 -1.05
N SER A 66 -11.36 14.45 -1.42
CA SER A 66 -11.87 15.76 -1.83
C SER A 66 -12.82 15.63 -3.00
N SER A 67 -12.47 14.77 -3.95
CA SER A 67 -13.32 14.46 -5.09
C SER A 67 -14.67 13.86 -4.67
N ILE A 68 -14.63 12.89 -3.76
CA ILE A 68 -15.87 12.27 -3.28
C ILE A 68 -16.77 13.28 -2.54
N GLU A 69 -16.17 14.24 -1.85
CA GLU A 69 -16.91 15.33 -1.19
C GLU A 69 -17.68 16.21 -2.17
N GLN A 70 -17.20 16.33 -3.41
CA GLN A 70 -17.90 17.13 -4.44
C GLN A 70 -19.16 16.42 -4.95
N LYS A 71 -19.19 15.10 -4.85
CA LYS A 71 -20.34 14.32 -5.29
C LYS A 71 -21.58 14.68 -4.45
N THR A 72 -22.75 14.63 -5.06
CA THR A 72 -24.00 14.96 -4.37
C THR A 72 -24.16 14.05 -3.16
N GLU A 73 -24.35 14.63 -1.98
CA GLU A 73 -24.57 13.85 -0.75
C GLU A 73 -25.54 14.54 0.21
N ARG A 74 -26.71 13.92 0.39
CA ARG A 74 -27.77 14.49 1.23
C ARG A 74 -27.67 14.07 2.69
N ASN A 75 -27.02 12.94 2.96
CA ASN A 75 -26.83 12.47 4.34
C ASN A 75 -25.75 13.27 5.05
N GLU A 76 -26.12 13.93 6.15
CA GLU A 76 -25.22 14.81 6.88
C GLU A 76 -24.08 14.06 7.58
N LYS A 77 -24.36 12.88 8.11
CA LYS A 77 -23.32 12.05 8.75
C LYS A 77 -22.23 11.65 7.75
N LYS A 78 -22.65 11.27 6.55
CA LYS A 78 -21.69 10.93 5.50
C LYS A 78 -20.83 12.13 5.09
N GLN A 79 -21.45 13.30 4.96
CA GLN A 79 -20.71 14.54 4.71
C GLN A 79 -19.65 14.76 5.81
N GLN A 80 -20.08 14.68 7.07
CA GLN A 80 -19.16 14.86 8.18
C GLN A 80 -18.02 13.86 8.14
N MSE A 81 -18.31 12.62 7.78
CA MSE A 81 -17.29 11.58 7.74
C MSE A 81 -16.27 11.90 6.67
O MSE A 81 -15.07 11.72 6.88
CB MSE A 81 -17.88 10.17 7.52
CG MSE A 81 -18.49 9.51 8.76
SE MSE A 81 -17.34 9.49 10.34
CE MSE A 81 -17.99 11.15 11.16
N GLY A 82 -16.74 12.38 5.53
CA GLY A 82 -15.88 12.83 4.45
C GLY A 82 -14.98 13.95 4.91
N LYS A 83 -15.57 14.94 5.58
CA LYS A 83 -14.81 16.09 6.08
C LYS A 83 -13.78 15.67 7.13
N GLU A 84 -14.20 14.88 8.10
CA GLU A 84 -13.30 14.43 9.16
C GLU A 84 -12.18 13.50 8.65
N TYR A 85 -12.48 12.67 7.64
CA TYR A 85 -11.48 11.79 7.06
C TYR A 85 -10.48 12.61 6.24
N ARG A 86 -10.97 13.57 5.45
CA ARG A 86 -10.05 14.49 4.78
C ARG A 86 -9.12 15.15 5.80
N GLU A 87 -9.69 15.68 6.88
CA GLU A 87 -8.92 16.36 7.91
C GLU A 87 -7.88 15.43 8.54
N LYS A 88 -8.24 14.18 8.76
CA LYS A 88 -7.29 13.20 9.28
C LYS A 88 -6.09 13.10 8.35
N ILE A 89 -6.35 13.02 7.05
CA ILE A 89 -5.29 12.89 6.06
C ILE A 89 -4.44 14.15 6.06
N GLU A 90 -5.09 15.32 6.11
CA GLU A 90 -4.40 16.61 6.16
C GLU A 90 -3.42 16.70 7.31
N ALA A 91 -3.86 16.27 8.50
CA ALA A 91 -3.00 16.28 9.68
C ALA A 91 -1.79 15.34 9.45
N GLU A 92 -2.01 14.16 8.88
CA GLU A 92 -0.90 13.27 8.54
C GLU A 92 0.06 13.98 7.57
N LEU A 93 -0.51 14.64 6.58
CA LEU A 93 0.24 15.32 5.55
C LEU A 93 1.06 16.45 6.19
N GLN A 94 0.44 17.16 7.11
CA GLN A 94 1.13 18.22 7.86
C GLN A 94 2.27 17.66 8.70
N ASP A 95 2.06 16.54 9.37
CA ASP A 95 3.11 15.91 10.17
C ASP A 95 4.30 15.49 9.32
N ILE A 96 4.01 14.91 8.16
CA ILE A 96 5.06 14.42 7.27
C ILE A 96 5.87 15.60 6.79
N CYS A 97 5.20 16.65 6.29
CA CYS A 97 5.91 17.82 5.78
C CYS A 97 6.71 18.53 6.88
N ASN A 98 6.12 18.71 8.06
CA ASN A 98 6.82 19.32 9.17
C ASN A 98 8.08 18.53 9.53
N ASP A 99 7.99 17.20 9.50
CA ASP A 99 9.14 16.33 9.74
C ASP A 99 10.21 16.57 8.70
N VAL A 100 9.83 16.57 7.44
CA VAL A 100 10.77 16.79 6.34
C VAL A 100 11.41 18.17 6.43
N LEU A 101 10.59 19.20 6.65
CA LEU A 101 11.10 20.57 6.70
C LEU A 101 12.04 20.78 7.89
N GLU A 102 11.81 20.06 8.99
CA GLU A 102 12.70 20.14 10.17
C GLU A 102 14.05 19.50 9.86
N LEU A 103 14.03 18.33 9.22
CA LEU A 103 15.27 17.69 8.81
C LEU A 103 16.07 18.63 7.91
N LEU A 104 15.39 19.29 6.98
CA LEU A 104 16.04 20.20 6.06
C LEU A 104 16.61 21.41 6.80
N ASP A 105 15.81 21.99 7.68
CA ASP A 105 16.22 23.22 8.38
C ASP A 105 17.32 22.95 9.42
N LYS A 106 17.21 21.84 10.14
CA LYS A 106 18.09 21.58 11.27
C LYS A 106 19.42 20.94 10.85
N TYR A 107 19.36 19.99 9.91
CA TYR A 107 20.53 19.22 9.53
C TYR A 107 20.94 19.42 8.06
N LEU A 108 20.01 19.21 7.15
CA LEU A 108 20.40 19.03 5.75
C LEU A 108 20.90 20.32 5.10
N ILE A 109 20.12 21.38 5.14
CA ILE A 109 20.54 22.63 4.49
C ILE A 109 21.79 23.28 5.13
N PRO A 110 21.80 23.43 6.47
CA PRO A 110 22.98 24.08 7.06
C PRO A 110 24.30 23.34 6.92
N ASN A 111 24.29 22.01 6.89
CA ASN A 111 25.52 21.22 6.77
C ASN A 111 25.98 20.96 5.34
N ALA A 112 25.20 21.39 4.35
CA ALA A 112 25.52 21.16 2.94
C ALA A 112 26.73 22.00 2.54
N THR A 113 27.78 21.34 2.05
CA THR A 113 29.01 22.03 1.66
C THR A 113 29.20 22.16 0.15
N GLN A 114 28.32 21.52 -0.61
CA GLN A 114 28.41 21.54 -2.07
C GLN A 114 27.12 22.10 -2.66
N PRO A 115 27.22 22.94 -3.70
CA PRO A 115 26.02 23.55 -4.29
C PRO A 115 24.95 22.56 -4.73
N GLU A 116 25.36 21.41 -5.27
CA GLU A 116 24.43 20.38 -5.75
C GLU A 116 23.43 20.01 -4.66
N SER A 117 23.94 19.73 -3.48
CA SER A 117 23.13 19.36 -2.33
C SER A 117 22.26 20.52 -1.87
N LYS A 118 22.88 21.68 -1.68
CA LYS A 118 22.15 22.91 -1.33
C LYS A 118 20.94 23.10 -2.23
N VAL A 119 21.14 23.05 -3.55
CA VAL A 119 20.01 23.20 -4.46
C VAL A 119 19.00 22.07 -4.25
N PHE A 120 19.48 20.84 -4.07
CA PHE A 120 18.60 19.69 -3.93
C PHE A 120 17.71 19.87 -2.71
N TYR A 121 18.32 20.30 -1.61
CA TYR A 121 17.61 20.44 -0.34
C TYR A 121 16.67 21.64 -0.32
N LEU A 122 17.08 22.73 -0.97
CA LEU A 122 16.22 23.90 -1.09
C LEU A 122 15.02 23.60 -1.99
N LYS A 123 15.26 22.85 -3.07
CA LYS A 123 14.16 22.39 -3.94
C LYS A 123 13.18 21.57 -3.09
N MSE A 124 13.74 20.69 -2.28
CA MSE A 124 12.93 19.87 -1.37
C MSE A 124 12.11 20.72 -0.40
O MSE A 124 10.93 20.48 -0.19
CB MSE A 124 13.83 18.91 -0.59
CG MSE A 124 13.14 17.72 -0.03
SE MSE A 124 14.43 16.33 0.47
CE MSE A 124 13.12 14.98 0.95
N LYS A 125 12.75 21.74 0.18
CA LYS A 125 12.05 22.71 1.04
C LYS A 125 10.89 23.32 0.28
N GLY A 126 11.12 23.73 -0.96
CA GLY A 126 10.05 24.26 -1.82
C GLY A 126 8.90 23.28 -2.01
N ASP A 127 9.23 22.03 -2.35
CA ASP A 127 8.21 20.99 -2.58
C ASP A 127 7.36 20.76 -1.36
N TYR A 128 8.00 20.59 -0.20
CA TYR A 128 7.26 20.25 1.02
C TYR A 128 6.46 21.41 1.63
N PHE A 129 6.92 22.64 1.46
CA PHE A 129 6.08 23.79 1.80
C PHE A 129 4.90 23.91 0.82
N ARG A 130 5.10 23.49 -0.44
CA ARG A 130 4.01 23.49 -1.42
CA ARG A 130 4.01 23.49 -1.42
C ARG A 130 2.94 22.48 -1.02
N TYR A 131 3.37 21.30 -0.57
CA TYR A 131 2.42 20.25 -0.16
C TYR A 131 1.66 20.71 1.08
N LEU A 132 2.36 21.35 2.01
CA LEU A 132 1.71 22.00 3.16
C LEU A 132 0.64 22.99 2.71
N SER A 133 0.97 23.83 1.74
CA SER A 133 0.06 24.90 1.32
C SER A 133 -1.24 24.36 0.74
N GLU A 134 -1.18 23.19 0.10
CA GLU A 134 -2.36 22.62 -0.54
C GLU A 134 -3.46 22.28 0.46
N VAL A 135 -3.08 21.96 1.70
CA VAL A 135 -4.05 21.61 2.74
C VAL A 135 -4.05 22.62 3.89
N ALA A 136 -3.54 23.82 3.65
CA ALA A 136 -3.36 24.83 4.71
C ALA A 136 -4.62 25.67 4.86
N SER A 137 -4.82 26.19 6.07
CA SER A 137 -6.14 26.67 6.53
C SER A 137 -6.49 28.12 6.17
N GLY A 138 -5.50 28.95 5.87
CA GLY A 138 -5.75 30.38 5.62
C GLY A 138 -4.98 31.21 6.62
N ASP A 139 -4.13 32.11 6.10
CA ASP A 139 -3.14 32.88 6.88
C ASP A 139 -1.86 32.05 6.97
N ASN A 140 -2.02 30.81 7.42
CA ASN A 140 -1.00 29.78 7.27
C ASN A 140 -0.83 29.44 5.78
N LYS A 141 -1.94 29.54 5.04
CA LYS A 141 -1.98 29.36 3.59
C LYS A 141 -0.99 30.28 2.89
N GLN A 142 -1.04 31.56 3.23
CA GLN A 142 -0.15 32.51 2.57
C GLN A 142 1.30 32.34 3.00
N THR A 143 1.53 32.09 4.29
CA THR A 143 2.89 31.84 4.79
C THR A 143 3.54 30.65 4.08
N THR A 144 2.83 29.52 4.01
CA THR A 144 3.37 28.31 3.37
C THR A 144 3.64 28.54 1.88
N VAL A 145 2.71 29.19 1.17
CA VAL A 145 2.88 29.45 -0.25
C VAL A 145 4.10 30.34 -0.43
N SER A 146 4.21 31.37 0.40
CA SER A 146 5.33 32.30 0.34
C SER A 146 6.68 31.64 0.72
N ASN A 147 6.69 30.78 1.73
CA ASN A 147 7.90 30.00 2.06
C ASN A 147 8.32 29.05 0.93
N SER A 148 7.34 28.42 0.29
CA SER A 148 7.62 27.59 -0.88
C SER A 148 8.32 28.39 -1.98
N GLN A 149 7.73 29.53 -2.34
CA GLN A 149 8.31 30.38 -3.37
C GLN A 149 9.73 30.82 -3.03
N GLN A 150 9.96 31.21 -1.77
CA GLN A 150 11.27 31.70 -1.33
C GLN A 150 12.33 30.62 -1.41
N ALA A 151 11.97 29.41 -1.01
CA ALA A 151 12.85 28.23 -1.12
C ALA A 151 13.19 27.92 -2.58
N TYR A 152 12.17 27.80 -3.43
CA TYR A 152 12.44 27.53 -4.84
C TYR A 152 13.34 28.60 -5.41
N GLN A 153 12.99 29.86 -5.15
CA GLN A 153 13.73 30.99 -5.69
C GLN A 153 15.21 30.95 -5.28
N GLU A 154 15.47 30.65 -4.02
CA GLU A 154 16.86 30.56 -3.54
C GLU A 154 17.60 29.40 -4.24
N ALA A 155 16.96 28.24 -4.30
CA ALA A 155 17.51 27.11 -5.05
C ALA A 155 17.87 27.52 -6.47
N PHE A 156 16.91 28.16 -7.13
CA PHE A 156 17.01 28.52 -8.53
C PHE A 156 18.19 29.43 -8.83
N GLU A 157 18.39 30.41 -7.98
CA GLU A 157 19.48 31.36 -8.14
C GLU A 157 20.83 30.65 -7.98
N ILE A 158 20.94 29.75 -7.02
CA ILE A 158 22.16 28.95 -6.87
C ILE A 158 22.36 28.04 -8.08
N SER A 159 21.30 27.38 -8.55
CA SER A 159 21.45 26.44 -9.67
C SER A 159 21.93 27.11 -10.96
N LYS A 160 21.51 28.35 -11.19
CA LYS A 160 21.98 29.09 -12.36
C LYS A 160 23.48 29.43 -12.27
N LYS A 161 23.99 29.66 -11.07
CA LYS A 161 25.42 29.97 -10.90
C LYS A 161 26.27 28.72 -10.89
N GLU A 162 25.76 27.63 -10.32
CA GLU A 162 26.61 26.52 -9.92
C GLU A 162 26.42 25.20 -10.65
N MSE A 163 25.43 25.10 -11.53
CA MSE A 163 25.30 23.86 -12.28
C MSE A 163 24.82 24.02 -13.72
O MSE A 163 24.19 25.00 -14.08
CB MSE A 163 24.48 22.80 -11.51
CG MSE A 163 23.06 23.12 -11.11
SE MSE A 163 22.46 21.97 -9.59
CE MSE A 163 23.90 22.46 -8.40
N GLN A 164 25.17 23.02 -14.51
CA GLN A 164 24.91 23.01 -15.96
CA GLN A 164 24.92 23.04 -15.94
C GLN A 164 23.41 23.04 -16.21
N PRO A 165 22.97 23.75 -17.27
CA PRO A 165 21.52 23.77 -17.52
C PRO A 165 20.87 22.40 -17.78
N THR A 166 21.65 21.37 -18.07
CA THR A 166 21.07 20.04 -18.29
C THR A 166 21.14 19.13 -17.08
N HIS A 167 21.60 19.64 -15.95
CA HIS A 167 21.68 18.85 -14.73
C HIS A 167 20.28 18.52 -14.28
N PRO A 168 20.03 17.25 -13.96
CA PRO A 168 18.70 16.82 -13.51
C PRO A 168 18.13 17.63 -12.34
N ILE A 169 18.96 18.05 -11.41
CA ILE A 169 18.47 18.76 -10.24
C ILE A 169 17.98 20.14 -10.65
N ARG A 170 18.76 20.83 -11.48
CA ARG A 170 18.39 22.13 -11.98
C ARG A 170 17.12 22.04 -12.83
N LEU A 171 17.06 21.04 -13.69
CA LEU A 171 15.89 20.84 -14.53
C LEU A 171 14.68 20.50 -13.68
N GLY A 172 14.86 19.57 -12.74
CA GLY A 172 13.80 19.16 -11.83
C GLY A 172 13.26 20.35 -11.04
N LEU A 173 14.17 21.22 -10.59
CA LEU A 173 13.78 22.43 -9.90
C LEU A 173 12.91 23.30 -10.80
N ALA A 174 13.37 23.57 -12.01
CA ALA A 174 12.58 24.36 -12.97
C ALA A 174 11.22 23.73 -13.20
N LEU A 175 11.19 22.40 -13.32
CA LEU A 175 9.92 21.71 -13.48
C LEU A 175 9.01 22.02 -12.30
N ASN A 176 9.45 21.72 -11.10
CA ASN A 176 8.60 21.89 -9.92
C ASN A 176 8.29 23.36 -9.64
N PHE A 177 9.26 24.23 -9.87
CA PHE A 177 9.04 25.64 -9.59
C PHE A 177 8.01 26.20 -10.57
N SER A 178 8.07 25.77 -11.83
CA SER A 178 7.09 26.20 -12.84
C SER A 178 5.69 25.64 -12.56
N VAL A 179 5.61 24.38 -12.15
CA VAL A 179 4.35 23.80 -11.71
C VAL A 179 3.78 24.54 -10.50
N PHE A 180 4.64 24.91 -9.56
CA PHE A 180 4.25 25.75 -8.43
C PHE A 180 3.55 27.03 -8.89
N TYR A 181 4.16 27.72 -9.85
CA TYR A 181 3.57 28.96 -10.36
C TYR A 181 2.20 28.71 -11.00
N TYR A 182 2.07 27.62 -11.75
CA TYR A 182 0.83 27.36 -12.48
C TYR A 182 -0.26 26.89 -11.54
N GLU A 183 0.04 25.91 -10.69
CA GLU A 183 -0.97 25.29 -9.82
C GLU A 183 -1.23 25.98 -8.49
N ILE A 184 -0.21 26.56 -7.86
CA ILE A 184 -0.37 27.16 -6.53
C ILE A 184 -0.58 28.68 -6.60
N LEU A 185 0.15 29.35 -7.48
CA LEU A 185 0.11 30.79 -7.58
C LEU A 185 -0.90 31.21 -8.65
N ASN A 186 -1.36 30.27 -9.46
CA ASN A 186 -2.28 30.54 -10.56
C ASN A 186 -1.73 31.61 -11.49
N SER A 187 -0.47 31.45 -11.89
CA SER A 187 0.16 32.34 -12.86
C SER A 187 0.79 31.56 -14.02
N PRO A 188 0.02 31.36 -15.10
CA PRO A 188 0.57 30.77 -16.32
C PRO A 188 1.77 31.54 -16.87
N GLU A 189 1.72 32.88 -16.77
CA GLU A 189 2.77 33.74 -17.32
CA GLU A 189 2.77 33.76 -17.30
C GLU A 189 4.11 33.47 -16.65
N LYS A 190 4.10 33.30 -15.32
CA LYS A 190 5.32 33.01 -14.58
C LYS A 190 5.74 31.56 -14.81
N ALA A 191 4.79 30.65 -14.85
CA ALA A 191 5.08 29.23 -15.10
C ALA A 191 5.70 29.02 -16.46
N CYS A 192 5.16 29.70 -17.47
CA CYS A 192 5.66 29.57 -18.83
C CYS A 192 7.04 30.21 -19.02
N SER A 193 7.25 31.37 -18.40
CA SER A 193 8.55 32.04 -18.50
C SER A 193 9.67 31.16 -17.98
N LEU A 194 9.45 30.58 -16.79
CA LEU A 194 10.44 29.75 -16.15
C LEU A 194 10.68 28.45 -16.90
N ALA A 195 9.60 27.77 -17.28
CA ALA A 195 9.73 26.52 -18.00
C ALA A 195 10.45 26.73 -19.34
N LYS A 196 10.05 27.76 -20.09
CA LYS A 196 10.68 28.06 -21.38
C LYS A 196 12.16 28.38 -21.23
N THR A 197 12.48 29.21 -20.24
CA THR A 197 13.85 29.57 -19.96
C THR A 197 14.70 28.34 -19.69
N ALA A 198 14.21 27.45 -18.84
CA ALA A 198 14.99 26.29 -18.39
C ALA A 198 15.15 25.31 -19.54
N PHE A 199 14.10 25.15 -20.35
CA PHE A 199 14.16 24.27 -21.51
C PHE A 199 15.15 24.79 -22.55
N ASP A 200 14.97 26.06 -22.93
CA ASP A 200 15.85 26.72 -23.89
C ASP A 200 17.31 26.70 -23.42
N GLU A 201 17.53 26.89 -22.13
CA GLU A 201 18.90 26.90 -21.61
C GLU A 201 19.51 25.50 -21.74
N ALA A 202 18.69 24.48 -21.51
CA ALA A 202 19.14 23.10 -21.65
C ALA A 202 19.54 22.79 -23.09
N ILE A 203 18.65 23.05 -24.05
CA ILE A 203 18.91 22.68 -25.43
C ILE A 203 19.98 23.54 -26.11
N ALA A 204 20.31 24.69 -25.52
CA ALA A 204 21.39 25.53 -26.02
C ALA A 204 22.77 24.98 -25.58
N GLU A 205 22.77 24.02 -24.67
CA GLU A 205 24.01 23.47 -24.12
C GLU A 205 23.97 21.93 -24.06
N LEU A 206 23.68 21.29 -25.18
CA LEU A 206 23.64 19.82 -25.23
C LEU A 206 25.00 19.21 -24.93
N ASP A 207 26.08 19.98 -25.13
CA ASP A 207 27.42 19.53 -24.77
C ASP A 207 27.62 19.32 -23.26
N THR A 208 26.69 19.81 -22.44
CA THR A 208 26.81 19.63 -20.99
C THR A 208 26.16 18.35 -20.51
N LEU A 209 25.38 17.69 -21.37
CA LEU A 209 24.88 16.34 -21.07
C LEU A 209 26.05 15.39 -20.75
N ASN A 210 25.76 14.33 -20.01
CA ASN A 210 26.72 13.24 -19.80
C ASN A 210 25.99 11.90 -19.76
N GLU A 211 26.75 10.83 -19.94
CA GLU A 211 26.18 9.49 -20.02
C GLU A 211 25.42 9.11 -18.76
N GLU A 212 25.98 9.43 -17.61
CA GLU A 212 25.42 9.03 -16.33
C GLU A 212 24.01 9.58 -16.09
N SER A 213 23.77 10.81 -16.50
CA SER A 213 22.47 11.44 -16.25
C SER A 213 21.69 11.78 -17.53
N TYR A 214 22.13 11.27 -18.68
CA TYR A 214 21.48 11.56 -19.96
C TYR A 214 19.97 11.28 -19.93
N LYS A 215 19.59 10.10 -19.44
CA LYS A 215 18.18 9.70 -19.41
C LYS A 215 17.34 10.58 -18.47
N ASP A 216 17.82 10.83 -17.26
CA ASP A 216 17.15 11.74 -16.32
C ASP A 216 17.00 13.14 -16.92
N SER A 217 18.08 13.64 -17.52
CA SER A 217 18.07 14.97 -18.11
C SER A 217 17.00 15.10 -19.19
N THR A 218 17.02 14.19 -20.16
CA THR A 218 16.12 14.27 -21.29
C THR A 218 14.68 13.95 -20.88
N LEU A 219 14.49 13.08 -19.89
CA LEU A 219 13.14 12.82 -19.38
C LEU A 219 12.53 14.13 -18.86
N ILE A 220 13.26 14.84 -18.01
CA ILE A 220 12.74 16.05 -17.38
C ILE A 220 12.59 17.17 -18.41
N MSE A 221 13.54 17.25 -19.34
CA MSE A 221 13.43 18.24 -20.41
C MSE A 221 12.14 18.06 -21.20
O MSE A 221 11.50 19.04 -21.59
CB MSE A 221 14.63 18.15 -21.36
CG MSE A 221 15.93 18.68 -20.75
SE MSE A 221 17.51 18.11 -21.77
CE MSE A 221 17.18 19.03 -23.45
N GLN A 222 11.73 16.81 -21.41
CA GLN A 222 10.50 16.54 -22.15
C GLN A 222 9.29 16.88 -21.31
N LEU A 223 9.38 16.68 -20.00
CA LEU A 223 8.28 17.02 -19.11
C LEU A 223 8.09 18.54 -19.15
N LEU A 224 9.19 19.29 -19.20
CA LEU A 224 9.10 20.75 -19.27
C LEU A 224 8.45 21.17 -20.58
N ARG A 225 8.83 20.55 -21.69
CA ARG A 225 8.26 20.88 -23.01
C ARG A 225 6.76 20.60 -23.05
N ASP A 226 6.37 19.45 -22.50
CA ASP A 226 4.97 19.04 -22.41
C ASP A 226 4.13 20.07 -21.65
N ASN A 227 4.62 20.52 -20.50
CA ASN A 227 3.92 21.54 -19.74
C ASN A 227 3.77 22.83 -20.54
N LEU A 228 4.83 23.25 -21.20
CA LEU A 228 4.78 24.47 -22.01
C LEU A 228 3.70 24.40 -23.08
N THR A 229 3.58 23.25 -23.74
CA THR A 229 2.59 23.05 -24.79
C THR A 229 1.18 23.09 -24.20
N LEU A 230 1.00 22.44 -23.06
CA LEU A 230 -0.28 22.42 -22.35
C LEU A 230 -0.68 23.82 -21.94
N TRP A 231 0.23 24.52 -21.27
CA TRP A 231 -0.06 25.85 -20.74
C TRP A 231 -0.26 26.88 -21.83
N THR A 232 0.42 26.72 -22.96
CA THR A 232 0.23 27.63 -24.10
C THR A 232 -1.11 27.39 -24.79
N SER A 233 -1.59 26.15 -24.79
CA SER A 233 -2.96 25.85 -25.27
C SER A 233 -4.01 26.33 -24.27
N GLU A 234 -3.61 26.40 -23.00
CA GLU A 234 -4.41 26.96 -21.91
C GLU A 234 -5.58 26.05 -21.54
N MSE B 2 -13.77 10.33 17.01
CA MSE B 2 -13.59 10.23 18.50
C MSE B 2 -14.23 8.94 19.01
O MSE B 2 -13.53 8.02 19.46
CB MSE B 2 -14.20 11.45 19.20
N THR B 3 -15.56 8.89 18.93
CA THR B 3 -16.35 7.72 19.33
C THR B 3 -17.49 7.55 18.33
N MSE B 4 -17.23 6.80 17.27
CA MSE B 4 -18.13 6.76 16.13
C MSE B 4 -19.16 5.64 16.23
O MSE B 4 -18.88 4.55 16.73
CB MSE B 4 -17.31 6.55 14.85
CG MSE B 4 -16.41 7.72 14.50
SE MSE B 4 -15.46 7.25 12.88
CE MSE B 4 -14.41 8.89 12.65
N ASP B 5 -20.35 5.94 15.72
CA ASP B 5 -21.39 4.93 15.59
C ASP B 5 -21.11 4.07 14.36
N LYS B 6 -21.96 3.07 14.16
CA LYS B 6 -21.74 2.09 13.10
C LYS B 6 -21.92 2.67 11.69
N SER B 7 -22.86 3.59 11.50
CA SER B 7 -23.02 4.23 10.18
C SER B 7 -21.78 5.02 9.83
N GLU B 8 -21.23 5.71 10.81
CA GLU B 8 -20.00 6.49 10.64
C GLU B 8 -18.81 5.58 10.28
N LEU B 9 -18.62 4.51 11.04
CA LEU B 9 -17.51 3.56 10.81
C LEU B 9 -17.57 2.89 9.43
N VAL B 10 -18.75 2.52 8.97
CA VAL B 10 -18.90 1.90 7.65
C VAL B 10 -18.55 2.93 6.56
N GLN B 11 -19.03 4.16 6.70
CA GLN B 11 -18.72 5.19 5.71
C GLN B 11 -17.22 5.43 5.71
N LYS B 12 -16.60 5.49 6.89
CA LYS B 12 -15.15 5.62 7.00
C LYS B 12 -14.44 4.48 6.28
N ALA B 13 -14.93 3.26 6.48
CA ALA B 13 -14.35 2.10 5.81
C ALA B 13 -14.39 2.31 4.31
N LYS B 14 -15.54 2.71 3.78
CA LYS B 14 -15.69 2.87 2.34
C LYS B 14 -14.80 3.99 1.83
N LEU B 15 -14.69 5.07 2.61
CA LEU B 15 -13.80 6.18 2.23
C LEU B 15 -12.33 5.70 2.25
N ALA B 16 -11.97 4.99 3.31
CA ALA B 16 -10.65 4.40 3.43
C ALA B 16 -10.32 3.49 2.23
N GLU B 17 -11.31 2.71 1.79
CA GLU B 17 -11.12 1.80 0.66
C GLU B 17 -10.77 2.57 -0.59
N GLN B 18 -11.50 3.65 -0.83
CA GLN B 18 -11.27 4.46 -2.04
C GLN B 18 -9.93 5.18 -1.98
N ALA B 19 -9.52 5.57 -0.77
CA ALA B 19 -8.25 6.28 -0.56
C ALA B 19 -7.04 5.34 -0.44
N GLU B 20 -7.30 4.03 -0.57
CA GLU B 20 -6.26 2.99 -0.51
C GLU B 20 -5.52 2.99 0.81
N ARG B 21 -6.30 3.17 1.89
CA ARG B 21 -5.79 3.23 3.24
C ARG B 21 -6.40 2.06 4.01
N TYR B 22 -5.84 0.88 3.75
CA TYR B 22 -6.44 -0.38 4.16
C TYR B 22 -6.34 -0.64 5.65
N ASP B 23 -5.28 -0.17 6.27
CA ASP B 23 -5.18 -0.27 7.72
C ASP B 23 -6.37 0.46 8.38
N ASP B 24 -6.70 1.67 7.91
CA ASP B 24 -7.86 2.41 8.39
C ASP B 24 -9.17 1.66 8.14
N MSE B 25 -9.28 1.07 6.96
CA MSE B 25 -10.46 0.32 6.59
C MSE B 25 -10.65 -0.87 7.52
O MSE B 25 -11.76 -1.12 7.99
CB MSE B 25 -10.31 -0.19 5.15
CG MSE B 25 -11.54 -0.81 4.58
SE MSE B 25 -11.15 -1.52 2.82
CE MSE B 25 -12.94 -2.24 2.46
N ALA B 26 -9.58 -1.61 7.78
CA ALA B 26 -9.59 -2.74 8.70
C ALA B 26 -9.94 -2.30 10.12
N ALA B 27 -9.38 -1.18 10.55
CA ALA B 27 -9.63 -0.66 11.90
C ALA B 27 -11.12 -0.33 12.07
N ALA B 28 -11.69 0.29 11.04
CA ALA B 28 -13.11 0.68 11.05
C ALA B 28 -14.03 -0.55 11.12
N MSE B 29 -13.84 -1.52 10.20
CA MSE B 29 -14.64 -2.74 10.22
C MSE B 29 -14.38 -3.62 11.46
O MSE B 29 -15.29 -4.34 11.89
CB MSE B 29 -14.43 -3.56 8.95
CG MSE B 29 -14.89 -2.86 7.66
SE MSE B 29 -16.59 -1.95 7.84
CE MSE B 29 -17.68 -3.48 8.26
N LYS B 30 -13.18 -3.58 12.04
CA LYS B 30 -12.92 -4.23 13.34
C LYS B 30 -13.87 -3.69 14.41
N ALA B 31 -13.94 -2.36 14.51
CA ALA B 31 -14.84 -1.69 15.45
C ALA B 31 -16.32 -2.02 15.20
N VAL B 32 -16.73 -2.09 13.92
CA VAL B 32 -18.10 -2.45 13.58
C VAL B 32 -18.39 -3.85 14.08
N THR B 33 -17.48 -4.77 13.81
CA THR B 33 -17.64 -6.16 14.24
C THR B 33 -17.77 -6.26 15.75
N GLU B 34 -16.98 -5.45 16.46
CA GLU B 34 -16.96 -5.48 17.93
C GLU B 34 -18.22 -4.95 18.60
N GLN B 35 -19.14 -4.41 17.81
CA GLN B 35 -20.43 -3.98 18.31
CA GLN B 35 -20.43 -3.97 18.28
C GLN B 35 -21.33 -5.19 18.54
N GLY B 36 -20.90 -6.35 18.05
CA GLY B 36 -21.52 -7.63 18.37
C GLY B 36 -22.73 -8.04 17.58
N HIS B 37 -22.98 -7.42 16.43
CA HIS B 37 -24.14 -7.77 15.61
C HIS B 37 -23.75 -8.49 14.36
N GLU B 38 -24.61 -9.38 13.87
CA GLU B 38 -24.38 -9.99 12.55
C GLU B 38 -24.13 -8.93 11.50
N LEU B 39 -23.07 -9.09 10.72
CA LEU B 39 -22.74 -8.15 9.67
C LEU B 39 -23.67 -8.38 8.48
N SER B 40 -24.11 -7.29 7.85
CA SER B 40 -24.79 -7.37 6.57
C SER B 40 -23.81 -7.85 5.52
N ASN B 41 -24.30 -8.19 4.33
CA ASN B 41 -23.39 -8.63 3.27
C ASN B 41 -22.40 -7.55 2.88
N GLU B 42 -22.82 -6.30 2.83
CA GLU B 42 -21.93 -5.21 2.52
C GLU B 42 -20.85 -5.12 3.59
N GLU B 43 -21.26 -5.12 4.85
CA GLU B 43 -20.33 -5.02 5.98
C GLU B 43 -19.33 -6.18 5.99
N ARG B 44 -19.83 -7.39 5.79
CA ARG B 44 -19.00 -8.58 5.71
C ARG B 44 -17.99 -8.46 4.56
N ASN B 45 -18.44 -7.98 3.39
CA ASN B 45 -17.53 -7.76 2.27
C ASN B 45 -16.44 -6.72 2.59
N LEU B 46 -16.83 -5.61 3.18
CA LEU B 46 -15.86 -4.59 3.56
C LEU B 46 -14.83 -5.12 4.55
N LEU B 47 -15.27 -5.89 5.55
CA LEU B 47 -14.34 -6.51 6.50
C LEU B 47 -13.38 -7.45 5.78
N SER B 48 -13.93 -8.33 4.96
CA SER B 48 -13.10 -9.32 4.28
C SER B 48 -12.07 -8.64 3.39
N VAL B 49 -12.51 -7.67 2.59
CA VAL B 49 -11.59 -6.99 1.67
C VAL B 49 -10.52 -6.22 2.45
N ALA B 50 -10.91 -5.55 3.53
CA ALA B 50 -9.96 -4.79 4.33
C ALA B 50 -8.81 -5.67 4.82
N TYR B 51 -9.14 -6.75 5.50
CA TYR B 51 -8.10 -7.61 6.08
C TYR B 51 -7.33 -8.37 5.02
N LYS B 52 -7.98 -8.72 3.91
CA LYS B 52 -7.29 -9.34 2.80
C LYS B 52 -6.14 -8.44 2.35
N ASN B 53 -6.42 -7.15 2.17
CA ASN B 53 -5.38 -6.18 1.76
C ASN B 53 -4.31 -5.89 2.81
N VAL B 54 -4.74 -5.77 4.07
CA VAL B 54 -3.82 -5.52 5.17
C VAL B 54 -2.83 -6.69 5.32
N VAL B 55 -3.34 -7.92 5.33
CA VAL B 55 -2.49 -9.10 5.46
C VAL B 55 -1.72 -9.33 4.16
N GLY B 56 -2.36 -9.05 3.04
CA GLY B 56 -1.75 -9.24 1.74
C GLY B 56 -0.46 -8.45 1.55
N ALA B 57 -0.45 -7.23 2.07
CA ALA B 57 0.72 -6.38 1.97
C ALA B 57 1.90 -6.99 2.74
N ARG B 58 1.63 -7.50 3.94
CA ARG B 58 2.70 -8.08 4.76
C ARG B 58 3.23 -9.40 4.18
N ARG B 59 2.31 -10.21 3.64
CA ARG B 59 2.70 -11.46 2.98
C ARG B 59 3.58 -11.21 1.78
N SER B 60 3.23 -10.21 0.97
CA SER B 60 4.05 -9.81 -0.17
C SER B 60 5.41 -9.31 0.30
N SER B 61 5.40 -8.41 1.29
CA SER B 61 6.64 -7.92 1.89
C SER B 61 7.51 -9.06 2.41
N TRP B 62 6.88 -10.04 3.05
CA TRP B 62 7.60 -11.18 3.64
C TRP B 62 8.30 -12.00 2.59
N ARG B 63 7.63 -12.26 1.48
CA ARG B 63 8.18 -13.04 0.38
C ARG B 63 9.37 -12.34 -0.25
N VAL B 64 9.26 -11.02 -0.41
CA VAL B 64 10.32 -10.22 -1.02
C VAL B 64 11.59 -10.25 -0.18
N ILE B 65 11.45 -10.04 1.13
CA ILE B 65 12.60 -10.08 2.03
C ILE B 65 13.21 -11.46 2.11
N SER B 66 12.37 -12.49 2.08
CA SER B 66 12.87 -13.87 2.09
C SER B 66 13.71 -14.15 0.85
N SER B 67 13.24 -13.76 -0.33
CA SER B 67 14.02 -13.93 -1.56
C SER B 67 15.38 -13.26 -1.43
N ILE B 68 15.38 -12.00 -1.02
CA ILE B 68 16.63 -11.25 -0.84
C ILE B 68 17.55 -12.04 0.10
N GLU B 69 16.98 -12.55 1.19
CA GLU B 69 17.72 -13.37 2.17
C GLU B 69 18.44 -14.58 1.59
N GLN B 70 17.79 -15.32 0.69
CA GLN B 70 18.40 -16.52 0.13
CA GLN B 70 18.38 -16.52 0.10
C GLN B 70 19.53 -16.16 -0.82
N LYS B 71 19.40 -15.01 -1.49
CA LYS B 71 20.42 -14.54 -2.43
C LYS B 71 21.73 -14.08 -1.75
N THR B 72 21.71 -13.80 -0.46
CA THR B 72 22.83 -13.13 0.22
C THR B 72 23.85 -14.11 0.82
N GLU B 73 25.10 -13.66 0.93
CA GLU B 73 26.19 -14.49 1.46
C GLU B 73 26.09 -14.62 2.97
N ARG B 74 26.64 -15.70 3.51
CA ARG B 74 26.40 -16.09 4.91
C ARG B 74 27.15 -15.28 5.99
N ASN B 75 28.37 -14.84 5.72
CA ASN B 75 29.13 -14.12 6.76
C ASN B 75 28.76 -12.64 6.92
N GLU B 76 27.86 -12.14 6.08
CA GLU B 76 27.56 -10.70 6.05
C GLU B 76 26.49 -10.26 7.05
N LYS B 77 26.56 -8.99 7.42
CA LYS B 77 25.52 -8.32 8.21
C LYS B 77 24.24 -8.17 7.37
N LYS B 78 24.41 -8.11 6.06
CA LYS B 78 23.29 -8.10 5.10
C LYS B 78 22.33 -9.28 5.35
N GLN B 79 22.86 -10.36 5.93
CA GLN B 79 22.01 -11.44 6.43
C GLN B 79 21.29 -11.04 7.72
N GLN B 80 22.02 -10.41 8.64
CA GLN B 80 21.46 -10.02 9.94
C GLN B 80 20.29 -9.03 9.82
N MSE B 81 20.50 -7.95 9.07
CA MSE B 81 19.47 -6.92 8.88
C MSE B 81 18.22 -7.47 8.18
O MSE B 81 17.10 -7.07 8.50
CB MSE B 81 20.02 -5.71 8.11
CG MSE B 81 20.84 -4.75 8.98
SE MSE B 81 19.70 -3.67 10.16
CE MSE B 81 20.76 -3.79 11.79
N GLY B 82 18.42 -8.40 7.24
CA GLY B 82 17.33 -9.04 6.53
C GLY B 82 16.56 -10.00 7.41
N LYS B 83 17.28 -10.68 8.31
CA LYS B 83 16.68 -11.59 9.26
C LYS B 83 15.76 -10.85 10.24
N GLU B 84 16.25 -9.72 10.76
CA GLU B 84 15.47 -8.91 11.71
C GLU B 84 14.30 -8.19 11.05
N TYR B 85 14.45 -7.81 9.78
CA TYR B 85 13.36 -7.16 9.05
C TYR B 85 12.27 -8.18 8.69
N ARG B 86 12.66 -9.40 8.32
CA ARG B 86 11.69 -10.47 8.08
C ARG B 86 10.89 -10.73 9.35
N GLU B 87 11.60 -10.86 10.46
CA GLU B 87 10.99 -11.13 11.74
C GLU B 87 10.04 -10.01 12.20
N LYS B 88 10.39 -8.77 11.88
CA LYS B 88 9.51 -7.65 12.13
C LYS B 88 8.22 -7.84 11.33
N ILE B 89 8.35 -8.19 10.05
CA ILE B 89 7.19 -8.47 9.18
C ILE B 89 6.41 -9.70 9.68
N GLU B 90 7.12 -10.74 10.12
CA GLU B 90 6.45 -11.92 10.66
C GLU B 90 5.57 -11.60 11.86
N ALA B 91 6.06 -10.73 12.74
CA ALA B 91 5.35 -10.35 13.96
C ALA B 91 4.11 -9.54 13.62
N GLU B 92 4.24 -8.62 12.67
CA GLU B 92 3.10 -7.85 12.16
C GLU B 92 2.04 -8.76 11.58
N LEU B 93 2.49 -9.74 10.79
CA LEU B 93 1.60 -10.77 10.24
C LEU B 93 0.88 -11.55 11.33
N GLN B 94 1.63 -12.02 12.32
CA GLN B 94 1.04 -12.74 13.44
C GLN B 94 0.01 -11.86 14.15
N ASP B 95 0.28 -10.57 14.26
CA ASP B 95 -0.63 -9.66 14.94
C ASP B 95 -1.93 -9.44 14.15
N ILE B 96 -1.81 -9.22 12.85
CA ILE B 96 -2.97 -9.06 11.98
C ILE B 96 -3.84 -10.33 12.04
N CYS B 97 -3.21 -11.48 11.77
CA CYS B 97 -3.91 -12.76 11.82
C CYS B 97 -4.58 -13.01 13.16
N ASN B 98 -3.86 -12.73 14.25
CA ASN B 98 -4.43 -12.90 15.57
C ASN B 98 -5.67 -12.00 15.75
N ASP B 99 -5.61 -10.76 15.30
CA ASP B 99 -6.77 -9.87 15.38
C ASP B 99 -7.97 -10.46 14.68
N VAL B 100 -7.74 -10.93 13.44
CA VAL B 100 -8.82 -11.49 12.63
C VAL B 100 -9.40 -12.73 13.28
N LEU B 101 -8.53 -13.61 13.77
CA LEU B 101 -8.99 -14.83 14.41
C LEU B 101 -9.80 -14.55 15.66
N GLU B 102 -9.44 -13.50 16.40
CA GLU B 102 -10.18 -13.12 17.59
C GLU B 102 -11.57 -12.60 17.19
N LEU B 103 -11.63 -11.74 16.18
CA LEU B 103 -12.90 -11.26 15.64
C LEU B 103 -13.81 -12.44 15.30
N LEU B 104 -13.25 -13.43 14.62
CA LEU B 104 -14.04 -14.57 14.16
C LEU B 104 -14.55 -15.46 15.30
N ASP B 105 -13.69 -15.73 16.27
CA ASP B 105 -14.11 -16.64 17.32
CA ASP B 105 -14.00 -16.62 17.40
C ASP B 105 -14.89 -15.95 18.44
N LYS B 106 -14.66 -14.66 18.66
CA LYS B 106 -15.36 -13.92 19.69
C LYS B 106 -16.73 -13.43 19.24
N TYR B 107 -16.85 -13.04 17.96
CA TYR B 107 -18.06 -12.39 17.45
C TYR B 107 -18.67 -13.07 16.22
N LEU B 108 -17.90 -13.18 15.13
CA LEU B 108 -18.50 -13.49 13.84
C LEU B 108 -19.07 -14.92 13.77
N ILE B 109 -18.27 -15.92 14.09
CA ILE B 109 -18.74 -17.30 14.02
C ILE B 109 -19.90 -17.59 15.00
N PRO B 110 -19.74 -17.26 16.30
CA PRO B 110 -20.85 -17.62 17.18
C PRO B 110 -22.17 -16.87 16.95
N ASN B 111 -22.12 -15.66 16.42
CA ASN B 111 -23.35 -14.89 16.18
C ASN B 111 -24.00 -15.16 14.83
N ALA B 112 -23.34 -15.94 13.96
CA ALA B 112 -23.89 -16.26 12.64
C ALA B 112 -25.10 -17.19 12.76
N THR B 113 -26.23 -16.75 12.20
CA THR B 113 -27.50 -17.46 12.25
C THR B 113 -27.90 -18.04 10.90
N GLN B 114 -27.12 -17.79 9.85
CA GLN B 114 -27.33 -18.37 8.53
C GLN B 114 -26.13 -19.23 8.15
N PRO B 115 -26.36 -20.37 7.47
CA PRO B 115 -25.25 -21.26 7.10
C PRO B 115 -24.21 -20.66 6.13
N GLU B 116 -24.66 -19.78 5.24
CA GLU B 116 -23.75 -19.12 4.30
C GLU B 116 -22.72 -18.25 5.04
N SER B 117 -23.19 -17.43 5.97
CA SER B 117 -22.31 -16.58 6.77
C SER B 117 -21.37 -17.39 7.63
N LYS B 118 -21.94 -18.35 8.35
CA LYS B 118 -21.12 -19.23 9.18
C LYS B 118 -20.01 -19.90 8.38
N VAL B 119 -20.33 -20.39 7.18
CA VAL B 119 -19.36 -21.05 6.34
C VAL B 119 -18.30 -20.07 5.84
N PHE B 120 -18.73 -18.86 5.47
CA PHE B 120 -17.82 -17.79 5.08
C PHE B 120 -16.80 -17.49 6.18
N TYR B 121 -17.28 -17.38 7.42
CA TYR B 121 -16.39 -17.02 8.52
C TYR B 121 -15.44 -18.18 8.86
N LEU B 122 -15.92 -19.42 8.76
CA LEU B 122 -15.06 -20.57 9.03
C LEU B 122 -13.97 -20.71 7.98
N LYS B 123 -14.31 -20.44 6.72
CA LYS B 123 -13.33 -20.42 5.63
C LYS B 123 -12.26 -19.33 5.87
N MSE B 124 -12.66 -18.15 6.34
CA MSE B 124 -11.69 -17.09 6.74
C MSE B 124 -10.76 -17.60 7.82
O MSE B 124 -9.55 -17.44 7.74
CB MSE B 124 -12.41 -15.85 7.30
CG MSE B 124 -12.64 -14.70 6.33
SE MSE B 124 -13.30 -13.09 7.23
CE MSE B 124 -11.65 -12.35 7.87
N LYS B 125 -11.34 -18.19 8.86
CA LYS B 125 -10.57 -18.74 9.96
C LYS B 125 -9.53 -19.69 9.41
N GLY B 126 -9.93 -20.56 8.49
CA GLY B 126 -8.97 -21.46 7.81
C GLY B 126 -7.88 -20.70 7.07
N ASP B 127 -8.29 -19.68 6.32
CA ASP B 127 -7.35 -18.83 5.60
C ASP B 127 -6.31 -18.20 6.52
N TYR B 128 -6.76 -17.56 7.60
CA TYR B 128 -5.79 -16.84 8.44
C TYR B 128 -4.89 -17.79 9.22
N PHE B 129 -5.36 -18.99 9.53
CA PHE B 129 -4.45 -19.97 10.11
C PHE B 129 -3.41 -20.45 9.11
N ARG B 130 -3.75 -20.50 7.83
CA ARG B 130 -2.82 -20.91 6.79
CA ARG B 130 -2.79 -20.93 6.83
C ARG B 130 -1.76 -19.83 6.59
N TYR B 131 -2.19 -18.57 6.71
CA TYR B 131 -1.26 -17.44 6.60
C TYR B 131 -0.26 -17.50 7.75
N LEU B 132 -0.75 -17.74 8.96
CA LEU B 132 0.13 -17.96 10.13
C LEU B 132 1.09 -19.12 9.90
N SER B 133 0.61 -20.18 9.28
CA SER B 133 1.42 -21.38 9.08
C SER B 133 2.58 -21.17 8.10
N GLU B 134 2.44 -20.22 7.18
CA GLU B 134 3.52 -19.85 6.26
C GLU B 134 4.72 -19.21 6.98
N VAL B 135 4.49 -18.59 8.13
CA VAL B 135 5.56 -17.92 8.90
C VAL B 135 5.75 -18.52 10.30
N ALA B 136 5.12 -19.67 10.56
CA ALA B 136 5.24 -20.33 11.87
C ALA B 136 6.53 -21.14 11.93
N SER B 137 7.18 -21.14 13.10
CA SER B 137 8.43 -21.91 13.27
C SER B 137 8.15 -23.40 13.36
N GLY B 138 9.16 -24.21 13.05
CA GLY B 138 9.04 -25.67 13.02
C GLY B 138 8.05 -26.27 14.02
N ASP B 139 8.21 -25.91 15.29
CA ASP B 139 7.38 -26.47 16.37
C ASP B 139 5.93 -26.00 16.27
N ASN B 140 5.78 -24.70 16.03
CA ASN B 140 4.47 -24.03 15.97
C ASN B 140 3.67 -24.34 14.68
N LYS B 141 4.36 -24.78 13.64
CA LYS B 141 3.77 -24.91 12.30
C LYS B 141 2.71 -26.00 12.15
N GLN B 142 2.92 -27.16 12.77
CA GLN B 142 1.95 -28.25 12.69
C GLN B 142 0.63 -27.90 13.38
N THR B 143 0.70 -27.17 14.49
CA THR B 143 -0.50 -26.73 15.17
C THR B 143 -1.35 -25.78 14.30
N THR B 144 -0.71 -24.77 13.69
CA THR B 144 -1.41 -23.81 12.82
C THR B 144 -2.06 -24.50 11.61
N VAL B 145 -1.29 -25.35 10.93
CA VAL B 145 -1.81 -26.10 9.79
C VAL B 145 -2.97 -26.97 10.24
N SER B 146 -2.87 -27.48 11.45
CA SER B 146 -3.93 -28.31 12.02
C SER B 146 -5.19 -27.49 12.33
N ASN B 147 -5.03 -26.31 12.94
CA ASN B 147 -6.18 -25.40 13.15
C ASN B 147 -6.78 -24.93 11.81
N SER B 148 -5.93 -24.70 10.82
CA SER B 148 -6.42 -24.36 9.48
C SER B 148 -7.31 -25.47 8.96
N GLN B 149 -6.79 -26.69 8.96
CA GLN B 149 -7.54 -27.88 8.53
C GLN B 149 -8.90 -27.99 9.25
N GLN B 150 -8.88 -27.79 10.57
CA GLN B 150 -10.08 -27.93 11.38
C GLN B 150 -11.17 -26.93 10.94
N ALA B 151 -10.76 -25.69 10.66
CA ALA B 151 -11.70 -24.64 10.28
C ALA B 151 -12.34 -24.93 8.93
N TYR B 152 -11.52 -25.30 7.96
CA TYR B 152 -12.02 -25.66 6.64
C TYR B 152 -12.94 -26.85 6.72
N GLN B 153 -12.54 -27.82 7.53
CA GLN B 153 -13.33 -29.03 7.76
C GLN B 153 -14.72 -28.68 8.26
N GLU B 154 -14.78 -27.88 9.31
CA GLU B 154 -16.05 -27.49 9.91
C GLU B 154 -16.93 -26.67 8.94
N ALA B 155 -16.31 -25.79 8.16
CA ALA B 155 -17.04 -25.06 7.14
C ALA B 155 -17.61 -26.03 6.11
N PHE B 156 -16.81 -27.01 5.72
CA PHE B 156 -17.22 -27.98 4.72
C PHE B 156 -18.35 -28.84 5.23
N GLU B 157 -18.24 -29.29 6.47
CA GLU B 157 -19.28 -30.09 7.13
C GLU B 157 -20.62 -29.35 7.14
N ILE B 158 -20.59 -28.08 7.54
CA ILE B 158 -21.80 -27.27 7.54
C ILE B 158 -22.40 -27.17 6.14
N SER B 159 -21.55 -26.96 5.14
CA SER B 159 -22.03 -26.84 3.76
C SER B 159 -22.68 -28.15 3.30
N LYS B 160 -22.13 -29.27 3.72
CA LYS B 160 -22.70 -30.58 3.36
C LYS B 160 -24.08 -30.75 3.97
N LYS B 161 -24.27 -30.28 5.20
CA LYS B 161 -25.55 -30.43 5.90
C LYS B 161 -26.63 -29.46 5.43
N GLU B 162 -26.23 -28.25 5.06
CA GLU B 162 -27.18 -27.16 4.87
C GLU B 162 -27.41 -26.74 3.42
N MSE B 163 -26.54 -27.18 2.51
CA MSE B 163 -26.61 -26.74 1.10
C MSE B 163 -26.68 -27.94 0.15
O MSE B 163 -26.20 -29.02 0.46
CB MSE B 163 -25.40 -25.88 0.76
CG MSE B 163 -25.37 -24.54 1.47
SE MSE B 163 -23.67 -23.61 1.29
CE MSE B 163 -24.00 -22.25 2.65
N GLN B 164 -27.27 -27.70 -1.02
CA GLN B 164 -27.32 -28.72 -2.04
C GLN B 164 -25.92 -28.95 -2.61
N PRO B 165 -25.63 -30.17 -3.09
CA PRO B 165 -24.37 -30.51 -3.75
C PRO B 165 -23.93 -29.55 -4.85
N THR B 166 -24.87 -28.95 -5.58
CA THR B 166 -24.56 -28.05 -6.68
C THR B 166 -24.40 -26.58 -6.27
N HIS B 167 -24.58 -26.29 -4.98
CA HIS B 167 -24.47 -24.92 -4.52
C HIS B 167 -23.04 -24.48 -4.68
N PRO B 168 -22.82 -23.32 -5.34
CA PRO B 168 -21.44 -22.89 -5.62
C PRO B 168 -20.59 -22.65 -4.38
N ILE B 169 -21.19 -22.27 -3.25
CA ILE B 169 -20.44 -22.10 -2.01
C ILE B 169 -19.88 -23.43 -1.59
N ARG B 170 -20.74 -24.45 -1.59
CA ARG B 170 -20.34 -25.80 -1.19
C ARG B 170 -19.29 -26.36 -2.13
N LEU B 171 -19.53 -26.24 -3.43
CA LEU B 171 -18.58 -26.71 -4.44
C LEU B 171 -17.24 -25.98 -4.27
N GLY B 172 -17.31 -24.68 -4.07
CA GLY B 172 -16.11 -23.88 -3.83
C GLY B 172 -15.35 -24.33 -2.60
N LEU B 173 -16.08 -24.77 -1.58
CA LEU B 173 -15.48 -25.32 -0.38
C LEU B 173 -14.84 -26.67 -0.66
N ALA B 174 -15.50 -27.49 -1.48
CA ALA B 174 -14.94 -28.79 -1.85
C ALA B 174 -13.62 -28.60 -2.57
N LEU B 175 -13.59 -27.64 -3.50
CA LEU B 175 -12.39 -27.36 -4.28
C LEU B 175 -11.23 -26.97 -3.37
N ASN B 176 -11.44 -25.94 -2.57
CA ASN B 176 -10.42 -25.45 -1.61
CA ASN B 176 -10.37 -25.47 -1.70
C ASN B 176 -9.95 -26.55 -0.68
N PHE B 177 -10.91 -27.29 -0.14
CA PHE B 177 -10.58 -28.34 0.81
C PHE B 177 -9.78 -29.48 0.18
N SER B 178 -10.18 -29.94 -1.01
CA SER B 178 -9.43 -30.99 -1.70
C SER B 178 -8.02 -30.52 -2.05
N VAL B 179 -7.88 -29.29 -2.54
CA VAL B 179 -6.57 -28.73 -2.88
C VAL B 179 -5.71 -28.56 -1.62
N PHE B 180 -6.35 -28.24 -0.49
CA PHE B 180 -5.66 -28.13 0.78
C PHE B 180 -5.00 -29.47 1.14
N TYR B 181 -5.73 -30.57 0.96
CA TYR B 181 -5.17 -31.90 1.20
C TYR B 181 -3.99 -32.20 0.29
N TYR B 182 -4.11 -31.86 -1.00
CA TYR B 182 -3.04 -32.15 -1.96
C TYR B 182 -1.80 -31.28 -1.71
N GLU B 183 -2.00 -29.98 -1.51
CA GLU B 183 -0.90 -29.02 -1.44
C GLU B 183 -0.28 -28.93 -0.05
N ILE B 184 -1.09 -28.78 0.99
CA ILE B 184 -0.59 -28.54 2.34
C ILE B 184 -0.37 -29.83 3.13
N LEU B 185 -1.30 -30.77 3.06
CA LEU B 185 -1.18 -32.02 3.81
C LEU B 185 -0.53 -33.15 3.00
N ASN B 186 -0.21 -32.89 1.72
CA ASN B 186 0.49 -33.85 0.89
C ASN B 186 -0.18 -35.22 0.91
N SER B 187 -1.50 -35.22 0.70
CA SER B 187 -2.31 -36.43 0.79
C SER B 187 -3.16 -36.48 -0.47
N PRO B 188 -2.52 -36.90 -1.59
CA PRO B 188 -3.20 -36.85 -2.87
C PRO B 188 -4.32 -37.87 -3.00
N GLU B 189 -4.24 -38.99 -2.30
CA GLU B 189 -5.27 -40.02 -2.39
C GLU B 189 -6.56 -39.49 -1.75
N LYS B 190 -6.43 -38.92 -0.55
CA LYS B 190 -7.57 -38.31 0.14
C LYS B 190 -8.10 -37.09 -0.64
N ALA B 191 -7.16 -36.31 -1.18
CA ALA B 191 -7.47 -35.16 -2.05
C ALA B 191 -8.36 -35.58 -3.24
N CYS B 192 -7.95 -36.63 -3.94
CA CYS B 192 -8.77 -37.20 -5.02
C CYS B 192 -10.14 -37.66 -4.52
N SER B 193 -10.14 -38.37 -3.40
CA SER B 193 -11.39 -38.86 -2.82
C SER B 193 -12.36 -37.71 -2.49
N LEU B 194 -11.85 -36.62 -1.92
CA LEU B 194 -12.70 -35.45 -1.61
C LEU B 194 -13.26 -34.82 -2.88
N ALA B 195 -12.39 -34.65 -3.86
CA ALA B 195 -12.79 -34.08 -5.14
C ALA B 195 -13.86 -34.95 -5.81
N LYS B 196 -13.60 -36.23 -5.90
CA LYS B 196 -14.51 -37.18 -6.55
C LYS B 196 -15.88 -37.22 -5.89
N THR B 197 -15.90 -37.26 -4.56
CA THR B 197 -17.15 -37.26 -3.81
C THR B 197 -17.97 -36.01 -4.13
N ALA B 198 -17.36 -34.85 -4.00
CA ALA B 198 -18.04 -33.58 -4.25
C ALA B 198 -18.54 -33.48 -5.70
N PHE B 199 -17.70 -33.91 -6.65
CA PHE B 199 -18.05 -33.87 -8.06
C PHE B 199 -19.22 -34.80 -8.36
N ASP B 200 -19.14 -36.03 -7.88
CA ASP B 200 -20.17 -37.04 -8.08
C ASP B 200 -21.50 -36.63 -7.49
N GLU B 201 -21.46 -36.08 -6.29
CA GLU B 201 -22.68 -35.64 -5.62
C GLU B 201 -23.39 -34.55 -6.41
N ALA B 202 -22.63 -33.63 -7.00
CA ALA B 202 -23.20 -32.56 -7.81
C ALA B 202 -23.78 -33.08 -9.12
N ILE B 203 -23.02 -33.97 -9.77
CA ILE B 203 -23.46 -34.59 -11.02
C ILE B 203 -24.83 -35.24 -10.87
N ALA B 204 -25.03 -35.91 -9.74
CA ALA B 204 -26.28 -36.64 -9.44
C ALA B 204 -27.50 -35.72 -9.37
N GLU B 205 -27.27 -34.42 -9.21
CA GLU B 205 -28.35 -33.44 -9.12
C GLU B 205 -28.28 -32.39 -10.23
N LEU B 206 -27.57 -32.68 -11.32
CA LEU B 206 -27.45 -31.72 -12.43
C LEU B 206 -28.80 -31.36 -13.01
N ASP B 207 -29.66 -32.36 -13.17
CA ASP B 207 -30.93 -32.18 -13.86
C ASP B 207 -31.87 -31.19 -13.16
N THR B 208 -31.63 -30.90 -11.89
CA THR B 208 -32.46 -29.96 -11.12
C THR B 208 -32.09 -28.48 -11.30
N LEU B 209 -30.91 -28.20 -11.85
CA LEU B 209 -30.47 -26.82 -12.05
C LEU B 209 -31.26 -26.13 -13.18
N ASN B 210 -31.38 -24.80 -13.09
CA ASN B 210 -32.01 -24.02 -14.14
C ASN B 210 -31.07 -23.81 -15.33
N GLU B 211 -31.64 -23.86 -16.53
CA GLU B 211 -30.93 -23.63 -17.78
C GLU B 211 -30.20 -22.27 -17.87
N GLU B 212 -30.70 -21.26 -17.16
CA GLU B 212 -30.15 -19.91 -17.24
C GLU B 212 -29.02 -19.66 -16.23
N SER B 213 -28.83 -20.56 -15.26
CA SER B 213 -27.85 -20.38 -14.18
C SER B 213 -26.86 -21.53 -13.96
N TYR B 214 -26.99 -22.62 -14.71
CA TYR B 214 -26.21 -23.85 -14.41
C TYR B 214 -24.69 -23.62 -14.32
N LYS B 215 -24.19 -22.64 -15.07
CA LYS B 215 -22.76 -22.39 -15.15
C LYS B 215 -22.15 -22.00 -13.80
N ASP B 216 -22.94 -21.36 -12.94
CA ASP B 216 -22.51 -21.02 -11.58
C ASP B 216 -22.01 -22.25 -10.82
N SER B 217 -22.56 -23.42 -11.15
CA SER B 217 -22.15 -24.68 -10.56
C SER B 217 -21.13 -25.41 -11.43
N THR B 218 -21.45 -25.58 -12.71
CA THR B 218 -20.65 -26.46 -13.57
C THR B 218 -19.21 -25.96 -13.75
N LEU B 219 -18.99 -24.65 -13.67
CA LEU B 219 -17.63 -24.11 -13.80
C LEU B 219 -16.74 -24.60 -12.67
N ILE B 220 -17.29 -24.69 -11.47
CA ILE B 220 -16.52 -25.18 -10.33
C ILE B 220 -16.38 -26.70 -10.37
N MSE B 221 -17.41 -27.37 -10.88
CA MSE B 221 -17.38 -28.83 -10.99
C MSE B 221 -16.32 -29.24 -12.00
O MSE B 221 -15.67 -30.26 -11.84
CB MSE B 221 -18.76 -29.37 -11.38
CG MSE B 221 -19.87 -29.10 -10.37
SE MSE B 221 -21.66 -29.35 -11.13
CE MSE B 221 -21.37 -31.20 -11.62
N GLN B 222 -16.17 -28.45 -13.07
CA GLN B 222 -15.13 -28.69 -14.07
C GLN B 222 -13.74 -28.64 -13.44
N LEU B 223 -13.52 -27.68 -12.54
CA LEU B 223 -12.22 -27.55 -11.87
C LEU B 223 -11.96 -28.77 -11.00
N LEU B 224 -12.99 -29.22 -10.28
CA LEU B 224 -12.89 -30.45 -9.48
C LEU B 224 -12.54 -31.63 -10.39
N ARG B 225 -13.22 -31.73 -11.52
CA ARG B 225 -12.94 -32.79 -12.48
C ARG B 225 -11.49 -32.67 -12.96
N ASP B 226 -11.05 -31.44 -13.21
CA ASP B 226 -9.72 -31.20 -13.77
C ASP B 226 -8.63 -31.67 -12.83
N ASN B 227 -8.75 -31.30 -11.55
CA ASN B 227 -7.80 -31.73 -10.54
C ASN B 227 -7.77 -33.25 -10.41
N LEU B 228 -8.95 -33.87 -10.42
CA LEU B 228 -9.05 -35.31 -10.31
C LEU B 228 -8.23 -36.00 -11.41
N THR B 229 -8.35 -35.53 -12.65
CA THR B 229 -7.60 -36.11 -13.76
C THR B 229 -6.11 -35.84 -13.58
N LEU B 230 -5.77 -34.61 -13.25
CA LEU B 230 -4.37 -34.22 -13.05
C LEU B 230 -3.71 -35.08 -11.98
N TRP B 231 -4.38 -35.21 -10.84
CA TRP B 231 -3.83 -35.90 -9.66
C TRP B 231 -3.77 -37.40 -9.81
N THR B 232 -4.80 -38.00 -10.41
CA THR B 232 -4.82 -39.46 -10.58
C THR B 232 -3.95 -39.93 -11.75
N SER B 233 -3.39 -39.00 -12.52
CA SER B 233 -2.41 -39.34 -13.55
C SER B 233 -0.96 -39.36 -13.01
N GLU B 234 -0.79 -39.05 -11.73
CA GLU B 234 0.53 -39.02 -11.11
C GLU B 234 0.81 -40.30 -10.31
N ASN B 235 1.65 -41.17 -10.89
CA ASN B 235 2.04 -42.44 -10.28
C ASN B 235 3.34 -42.31 -9.48
P PO4 C . -8.55 22.83 5.15
O1 PO4 C . -9.13 21.84 6.15
O2 PO4 C . -9.59 23.88 4.82
O3 PO4 C . -7.33 23.49 5.77
O4 PO4 C . -8.15 22.12 3.86
C1 EDO D . 3.81 1.71 5.05
O1 EDO D . 4.08 1.71 3.63
C2 EDO D . 4.38 0.46 5.72
O2 EDO D . 5.66 0.73 6.35
C1 EDO E . 23.39 29.60 -16.34
O1 EDO E . 24.09 28.37 -16.58
C2 EDO E . 22.72 30.09 -17.63
O2 EDO E . 22.16 29.00 -18.37
C1 EDO F . -3.56 35.19 -13.72
O1 EDO F . -3.25 36.59 -13.90
C2 EDO F . -4.46 34.70 -14.84
O2 EDO F . -4.74 33.30 -14.67
C1 EDO G . 4.20 14.13 -4.55
O1 EDO G . 2.92 13.49 -4.51
C2 EDO G . 5.30 13.19 -4.07
O2 EDO G . 5.25 11.98 -4.82
P PO4 H . -21.76 10.71 17.41
O1 PO4 H . -22.50 10.03 18.55
O2 PO4 H . -22.75 11.12 16.34
O3 PO4 H . -21.04 11.93 17.95
O4 PO4 H . -20.75 9.76 16.80
P PO4 I . 10.38 -18.46 11.20
O1 PO4 I . 9.12 -18.56 12.03
O2 PO4 I . 10.04 -18.37 9.73
O3 PO4 I . 11.15 -17.23 11.64
O4 PO4 I . 11.22 -19.69 11.43
#